data_5DQD
#
_entry.id   5DQD
#
_cell.length_a   56.385
_cell.length_b   64.793
_cell.length_c   129.771
_cell.angle_alpha   90.000
_cell.angle_beta   90.000
_cell.angle_gamma   90.000
#
_symmetry.space_group_name_H-M   'P 2 21 21'
#
loop_
_entity.id
_entity.type
_entity.pdbx_description
1 polymer 'S55-5 Fab (IgG1 kappa) light chain'
2 polymer 'S55-5 Fab (IgG1) heavy chain'
3 branched 2-acetamido-2-deoxy-4-O-phosphono-beta-D-glucopyranose-(1-6)-2-acetamido-2-deoxy-1-O-phosphono-alpha-D-glucopyranose
4 non-polymer 'CHLORIDE ION'
5 water water
#
loop_
_entity_poly.entity_id
_entity_poly.type
_entity_poly.pdbx_seq_one_letter_code
_entity_poly.pdbx_strand_id
1 'polypeptide(L)'
;DIVLTQSPASLAVSLGQRATISCRASESVDNYGNSFMHWYQQKPGQPPKLLIYRASNLESGIPVRFSGSGSRTDFTLTIN
PVEADDVATYYCQQSNEDPRTFGGGTKLEIKRADAAPTVSIFPPSSEQLTSGGASVVCFLNNFYPKDINVKWKIDGSERQ
NGVLNSWTDQDSKDSTYSMSSTLTLTKDEYERHNSYTCEATHKTSTSPIVKSFNRNEC
;
L
2 'polypeptide(L)'
;EVKLVESGGDLVKPGGSLKLSCAASGFSFSSHGMSWVRQTPDKRLEWVALISRGGSYTYYSDSVKGRFTISRDNAKNTLY
LQMSGLRSEDTAIYYCTRHKGLRRGTNAMDYWGQGTSVTVSAAKTTPPSVYPLAPGSAAQTNSMVTLGCLVKGYFPEPVT
VTWNSGSLSSGVHTFPAVLQSDLYTLSSSVTVPSSTWPSETVTCNVAHPASSTKVDKKIVPR
;
H
#
# COMPACT_ATOMS: atom_id res chain seq x y z
N ASP A 1 -4.78 4.33 28.47
CA ASP A 1 -4.90 5.31 27.40
C ASP A 1 -6.33 5.37 26.88
N ILE A 2 -6.60 6.40 26.08
CA ILE A 2 -7.91 6.53 25.47
C ILE A 2 -8.08 5.54 24.32
N VAL A 3 -9.11 4.70 24.40
CA VAL A 3 -9.39 3.74 23.33
C VAL A 3 -10.43 4.32 22.38
N LEU A 4 -10.11 4.30 21.09
CA LEU A 4 -11.02 4.80 20.05
C LEU A 4 -11.57 3.63 19.26
N THR A 5 -12.90 3.59 19.12
CA THR A 5 -13.54 2.49 18.41
C THR A 5 -14.23 3.02 17.18
N GLN A 6 -13.84 2.54 16.00
CA GLN A 6 -14.51 2.99 14.76
C GLN A 6 -15.49 1.97 14.25
N SER A 7 -16.57 2.48 13.68
CA SER A 7 -17.55 1.60 13.03
C SER A 7 -18.19 2.37 11.88
N PRO A 8 -18.64 1.66 10.83
CA PRO A 8 -18.43 0.21 10.69
C PRO A 8 -16.97 -0.05 10.26
N ALA A 9 -16.57 -1.31 10.17
CA ALA A 9 -15.19 -1.63 9.76
C ALA A 9 -15.02 -1.36 8.28
N SER A 10 -16.08 -1.60 7.52
CA SER A 10 -16.07 -1.19 6.12
C SER A 10 -17.47 -0.76 5.73
N LEU A 11 -17.54 0.06 4.70
CA LEU A 11 -18.81 0.60 4.26
C LEU A 11 -18.71 0.66 2.76
N ALA A 12 -19.73 0.16 2.08
CA ALA A 12 -19.75 0.19 0.62
C ALA A 12 -20.92 1.11 0.17
N VAL A 13 -20.61 2.08 -0.70
CA VAL A 13 -21.53 3.17 -1.01
C VAL A 13 -21.51 3.46 -2.51
N SER A 14 -22.68 3.67 -3.11
CA SER A 14 -22.75 4.06 -4.52
C SER A 14 -22.26 5.47 -4.69
N LEU A 15 -21.67 5.77 -5.84
CA LEU A 15 -21.22 7.12 -6.18
C LEU A 15 -22.38 8.09 -5.99
N GLY A 16 -22.07 9.25 -5.38
CA GLY A 16 -23.05 10.30 -5.19
C GLY A 16 -23.88 10.20 -3.92
N GLN A 17 -23.78 9.06 -3.22
CA GLN A 17 -24.53 8.90 -1.98
C GLN A 17 -23.74 9.45 -0.77
N ARG A 18 -24.34 9.40 0.41
CA ARG A 18 -23.66 9.90 1.62
C ARG A 18 -23.03 8.74 2.38
N ALA A 19 -21.82 8.95 2.90
CA ALA A 19 -21.20 7.96 3.78
C ALA A 19 -21.05 8.59 5.16
N THR A 20 -21.48 7.88 6.20
CA THR A 20 -21.28 8.36 7.57
C THR A 20 -20.55 7.30 8.40
N ILE A 21 -19.48 7.76 9.04
CA ILE A 21 -18.47 6.91 9.67
C ILE A 21 -18.40 7.36 11.14
N SER A 22 -18.32 6.41 12.06
CA SER A 22 -18.43 6.76 13.48
C SER A 22 -17.14 6.46 14.25
N CYS A 23 -16.80 7.33 15.21
CA CYS A 23 -15.64 7.13 16.07
C CYS A 23 -16.09 7.44 17.50
N ARG A 24 -15.91 6.49 18.39
CA ARG A 24 -16.30 6.68 19.78
C ARG A 24 -15.09 6.52 20.70
N ALA A 25 -14.98 7.39 21.70
CA ALA A 25 -13.83 7.36 22.61
C ALA A 25 -14.23 6.79 23.97
N SER A 26 -13.27 6.14 24.64
CA SER A 26 -13.50 5.55 25.96
C SER A 26 -13.71 6.63 27.03
N GLU A 27 -13.35 7.87 26.70
CA GLU A 27 -13.57 8.97 27.62
C GLU A 27 -13.60 10.24 26.81
N SER A 28 -14.07 11.33 27.42
CA SER A 28 -14.21 12.60 26.70
C SER A 28 -12.88 13.14 26.20
N VAL A 29 -12.86 13.64 24.96
CA VAL A 29 -11.66 14.25 24.43
C VAL A 29 -11.87 15.76 24.29
N ASP A 30 -12.84 16.31 25.04
CA ASP A 30 -13.09 17.76 25.03
C ASP A 30 -12.16 18.52 26.00
N ASN A 31 -11.77 19.74 25.64
CA ASN A 31 -11.06 20.65 26.58
C ASN A 31 -11.11 22.05 25.99
N TYR A 32 -11.18 23.06 26.87
CA TYR A 32 -10.97 24.46 26.47
C TYR A 32 -11.95 24.93 25.42
N GLY A 33 -13.15 24.33 25.40
CA GLY A 33 -14.14 24.68 24.38
C GLY A 33 -13.97 23.97 23.04
N ASN A 34 -12.95 23.10 22.92
CA ASN A 34 -12.71 22.35 21.68
C ASN A 34 -12.89 20.86 21.92
N SER A 35 -12.97 20.07 20.84
CA SER A 35 -12.96 18.60 20.95
C SER A 35 -11.79 18.09 20.13
N PHE A 36 -10.92 17.28 20.74
CA PHE A 36 -9.65 16.99 20.08
C PHE A 36 -9.63 15.65 19.39
N MET A 37 -10.53 15.51 18.42
CA MET A 37 -10.59 14.33 17.55
C MET A 37 -10.30 14.82 16.13
N HIS A 38 -9.40 14.13 15.44
CA HIS A 38 -9.01 14.53 14.10
C HIS A 38 -9.23 13.34 13.17
N TRP A 39 -9.44 13.63 11.88
CA TRP A 39 -9.74 12.56 10.90
C TRP A 39 -8.74 12.60 9.74
N TYR A 40 -8.32 11.41 9.32
CA TYR A 40 -7.31 11.26 8.28
C TYR A 40 -7.80 10.31 7.21
N GLN A 41 -7.36 10.56 5.99
CA GLN A 41 -7.66 9.68 4.87
C GLN A 41 -6.38 8.98 4.46
N GLN A 42 -6.43 7.66 4.29
CA GLN A 42 -5.27 6.99 3.73
C GLN A 42 -5.59 6.14 2.52
N LYS A 43 -4.93 6.48 1.41
CA LYS A 43 -4.99 5.73 0.16
C LYS A 43 -3.72 4.86 0.03
N PRO A 44 -3.82 3.75 -0.74
CA PRO A 44 -2.66 2.84 -0.83
C PRO A 44 -1.48 3.55 -1.46
N GLY A 45 -0.28 3.22 -1.00
CA GLY A 45 0.95 3.80 -1.52
C GLY A 45 1.15 5.28 -1.17
N GLN A 46 0.25 5.80 -0.34
CA GLN A 46 0.31 7.20 0.08
C GLN A 46 0.31 7.32 1.61
N PRO A 47 0.97 8.35 2.15
CA PRO A 47 0.85 8.59 3.58
C PRO A 47 -0.55 9.08 3.91
N PRO A 48 -0.95 8.95 5.17
CA PRO A 48 -2.24 9.51 5.60
C PRO A 48 -2.32 11.03 5.32
N LYS A 49 -3.53 11.52 5.07
CA LYS A 49 -3.74 12.95 4.82
C LYS A 49 -4.78 13.48 5.80
N LEU A 50 -4.50 14.63 6.41
CA LEU A 50 -5.43 15.24 7.36
C LEU A 50 -6.64 15.78 6.63
N LEU A 51 -7.82 15.40 7.12
CA LEU A 51 -9.07 15.88 6.55
C LEU A 51 -9.72 16.91 7.45
N ILE A 52 -9.88 16.55 8.72
CA ILE A 52 -10.64 17.36 9.68
C ILE A 52 -9.81 17.45 10.95
N TYR A 53 -9.64 18.66 11.50
CA TYR A 53 -8.98 18.79 12.79
C TYR A 53 -9.93 19.35 13.84
N ARG A 54 -9.72 18.93 15.09
CA ARG A 54 -10.52 19.36 16.23
C ARG A 54 -11.99 19.21 15.92
N ALA A 55 -12.33 17.98 15.52
CA ALA A 55 -13.71 17.50 15.35
C ALA A 55 -14.46 18.03 14.12
N SER A 56 -14.36 19.33 13.85
CA SER A 56 -15.25 19.90 12.84
C SER A 56 -14.58 20.86 11.87
N ASN A 57 -13.29 21.14 12.07
CA ASN A 57 -12.63 22.07 11.18
C ASN A 57 -12.04 21.42 9.94
N LEU A 58 -12.49 21.89 8.77
CA LEU A 58 -12.01 21.35 7.50
C LEU A 58 -10.62 21.87 7.21
N GLU A 59 -9.70 20.96 6.95
CA GLU A 59 -8.31 21.32 6.65
C GLU A 59 -8.23 22.02 5.29
N SER A 60 -7.41 23.05 5.21
CA SER A 60 -7.26 23.76 3.95
C SER A 60 -6.85 22.82 2.81
N GLY A 61 -7.50 22.97 1.67
CA GLY A 61 -7.23 22.11 0.53
C GLY A 61 -8.15 20.90 0.43
N ILE A 62 -8.87 20.58 1.50
CA ILE A 62 -9.76 19.41 1.51
C ILE A 62 -11.16 19.84 1.03
N PRO A 63 -11.81 19.04 0.16
CA PRO A 63 -13.09 19.47 -0.41
C PRO A 63 -14.21 19.56 0.62
N VAL A 64 -15.17 20.45 0.40
CA VAL A 64 -16.22 20.70 1.41
C VAL A 64 -17.23 19.54 1.56
N ARG A 65 -17.15 18.54 0.69
CA ARG A 65 -18.00 17.37 0.88
C ARG A 65 -17.59 16.54 2.09
N PHE A 66 -16.41 16.81 2.64
CA PHE A 66 -16.01 16.18 3.89
C PHE A 66 -16.40 17.08 5.04
N SER A 67 -17.05 16.53 6.06
CA SER A 67 -17.38 17.31 7.26
C SER A 67 -17.27 16.44 8.51
N GLY A 68 -16.95 17.05 9.63
CA GLY A 68 -16.89 16.29 10.88
C GLY A 68 -17.83 16.90 11.90
N SER A 69 -18.39 16.08 12.78
CA SER A 69 -19.16 16.60 13.89
C SER A 69 -19.02 15.70 15.10
N GLY A 70 -19.57 16.16 16.22
CA GLY A 70 -19.59 15.36 17.43
C GLY A 70 -18.96 16.10 18.56
N SER A 71 -18.90 15.46 19.72
CA SER A 71 -18.33 16.05 20.91
C SER A 71 -18.19 15.02 22.02
N ARG A 72 -17.32 15.35 22.99
CA ARG A 72 -17.06 14.47 24.13
C ARG A 72 -16.55 13.10 23.71
N THR A 73 -17.43 12.10 23.62
CA THR A 73 -16.96 10.75 23.29
C THR A 73 -17.46 10.25 21.94
N ASP A 74 -18.23 11.07 21.23
CA ASP A 74 -18.99 10.58 20.08
C ASP A 74 -18.79 11.47 18.84
N PHE A 75 -18.21 10.92 17.78
CA PHE A 75 -17.82 11.72 16.60
C PHE A 75 -18.18 11.02 15.31
N THR A 76 -18.42 11.82 14.28
CA THR A 76 -18.75 11.28 12.97
C THR A 76 -18.02 12.02 11.87
N LEU A 77 -17.59 11.28 10.86
CA LEU A 77 -17.06 11.89 9.65
C LEU A 77 -18.11 11.65 8.58
N THR A 78 -18.51 12.69 7.86
CA THR A 78 -19.49 12.49 6.79
C THR A 78 -18.89 12.87 5.46
N ILE A 79 -19.15 12.04 4.44
CA ILE A 79 -18.72 12.32 3.08
C ILE A 79 -19.97 12.38 2.22
N ASN A 80 -20.23 13.55 1.62
CA ASN A 80 -21.46 13.74 0.87
C ASN A 80 -21.27 14.89 -0.09
N PRO A 81 -21.27 14.59 -1.39
CA PRO A 81 -21.47 13.24 -1.96
C PRO A 81 -20.16 12.47 -2.08
N VAL A 82 -20.23 11.14 -1.97
CA VAL A 82 -19.08 10.29 -2.22
C VAL A 82 -18.67 10.31 -3.69
N GLU A 83 -17.37 10.48 -3.94
CA GLU A 83 -16.85 10.47 -5.31
C GLU A 83 -15.85 9.35 -5.49
N ALA A 84 -15.50 9.05 -6.74
CA ALA A 84 -14.67 7.89 -7.04
C ALA A 84 -13.32 7.92 -6.33
N ASP A 85 -12.70 9.09 -6.23
CA ASP A 85 -11.37 9.12 -5.58
C ASP A 85 -11.41 9.12 -4.04
N ASP A 86 -12.59 8.91 -3.47
CA ASP A 86 -12.69 8.83 -2.01
C ASP A 86 -12.41 7.44 -1.48
N VAL A 87 -12.23 6.47 -2.38
CA VAL A 87 -11.84 5.13 -1.96
C VAL A 87 -10.56 5.18 -1.10
N ALA A 88 -10.67 4.76 0.16
CA ALA A 88 -9.58 4.93 1.12
C ALA A 88 -9.96 4.29 2.44
N THR A 89 -9.00 4.24 3.37
CA THR A 89 -9.33 3.94 4.76
C THR A 89 -9.24 5.26 5.55
N TYR A 90 -10.25 5.49 6.40
CA TYR A 90 -10.39 6.69 7.20
C TYR A 90 -10.16 6.39 8.66
N TYR A 91 -9.34 7.21 9.31
CA TYR A 91 -8.98 6.99 10.71
C TYR A 91 -9.30 8.20 11.55
N CYS A 92 -9.81 7.94 12.75
CA CYS A 92 -9.90 9.00 13.76
C CYS A 92 -8.70 8.90 14.70
N GLN A 93 -8.37 10.00 15.35
CA GLN A 93 -7.20 10.02 16.24
C GLN A 93 -7.47 11.08 17.29
N GLN A 94 -7.11 10.82 18.55
CA GLN A 94 -7.35 11.80 19.60
C GLN A 94 -6.02 12.37 20.06
N SER A 95 -6.01 13.64 20.42
CA SER A 95 -4.83 14.30 20.96
C SER A 95 -5.08 14.93 22.33
N ASN A 96 -6.27 14.71 22.90
CA ASN A 96 -6.59 15.34 24.19
C ASN A 96 -5.73 14.82 25.34
N GLU A 97 -5.23 13.59 25.18
CA GLU A 97 -4.35 13.03 26.20
C GLU A 97 -3.16 12.33 25.55
N ASP A 98 -1.98 12.47 26.16
CA ASP A 98 -0.84 11.64 25.76
C ASP A 98 -0.82 10.38 26.66
N PRO A 99 -0.61 9.20 26.07
CA PRO A 99 -0.22 8.94 24.67
C PRO A 99 -1.35 9.09 23.66
N ARG A 100 -1.03 9.69 22.53
CA ARG A 100 -2.06 9.91 21.51
C ARG A 100 -2.41 8.59 20.85
N THR A 101 -3.66 8.45 20.39
CA THR A 101 -4.11 7.14 19.90
C THR A 101 -5.03 7.24 18.68
N PHE A 102 -4.96 6.23 17.83
CA PHE A 102 -5.78 6.16 16.63
C PHE A 102 -6.92 5.16 16.80
N GLY A 103 -8.01 5.38 16.07
CA GLY A 103 -9.00 4.32 15.82
C GLY A 103 -8.45 3.28 14.86
N GLY A 104 -9.19 2.20 14.66
CA GLY A 104 -8.71 1.10 13.83
C GLY A 104 -8.99 1.28 12.34
N GLY A 105 -9.78 2.30 12.01
CA GLY A 105 -9.99 2.65 10.61
C GLY A 105 -11.28 2.12 10.01
N THR A 106 -11.82 2.84 9.05
CA THR A 106 -12.97 2.35 8.29
C THR A 106 -12.67 2.42 6.79
N LYS A 107 -12.80 1.29 6.12
CA LYS A 107 -12.46 1.19 4.70
C LYS A 107 -13.68 1.58 3.88
N LEU A 108 -13.54 2.55 2.98
CA LEU A 108 -14.68 2.98 2.16
C LEU A 108 -14.55 2.30 0.81
N GLU A 109 -15.58 1.59 0.39
CA GLU A 109 -15.59 0.95 -0.92
C GLU A 109 -16.69 1.55 -1.79
N ILE A 110 -16.48 1.56 -3.10
CA ILE A 110 -17.46 2.13 -4.03
C ILE A 110 -18.30 1.01 -4.65
N LYS A 111 -19.62 1.17 -4.62
CA LYS A 111 -20.50 0.27 -5.35
C LYS A 111 -20.67 0.81 -6.76
N ARG A 112 -20.56 -0.08 -7.75
CA ARG A 112 -20.77 0.32 -9.13
C ARG A 112 -21.30 -0.85 -9.94
N ALA A 113 -21.42 -0.63 -11.25
CA ALA A 113 -21.97 -1.67 -12.14
C ALA A 113 -20.96 -2.80 -12.35
N ASP A 114 -21.47 -3.99 -12.65
CA ASP A 114 -20.60 -5.12 -12.96
C ASP A 114 -19.69 -4.77 -14.13
N ALA A 115 -18.50 -5.38 -14.18
CA ALA A 115 -17.55 -5.18 -15.27
C ALA A 115 -16.69 -6.43 -15.40
N ALA A 116 -16.61 -6.97 -16.63
CA ALA A 116 -15.83 -8.18 -16.91
C ALA A 116 -14.34 -7.89 -16.93
N PRO A 117 -13.52 -8.81 -16.40
CA PRO A 117 -12.07 -8.59 -16.41
C PRO A 117 -11.44 -8.79 -17.78
N THR A 118 -10.36 -8.08 -18.03
CA THR A 118 -9.55 -8.37 -19.20
C THR A 118 -8.43 -9.30 -18.78
N VAL A 119 -8.36 -10.48 -19.39
CA VAL A 119 -7.43 -11.50 -18.91
C VAL A 119 -6.22 -11.68 -19.83
N SER A 120 -5.02 -11.79 -19.25
CA SER A 120 -3.77 -12.01 -19.98
C SER A 120 -2.99 -13.12 -19.30
N ILE A 121 -2.39 -14.03 -20.08
CA ILE A 121 -1.63 -15.15 -19.52
C ILE A 121 -0.20 -15.10 -20.05
N PHE A 122 0.74 -15.52 -19.21
CA PHE A 122 2.16 -15.45 -19.57
C PHE A 122 2.85 -16.74 -19.17
N PRO A 123 3.45 -17.43 -20.15
CA PRO A 123 4.25 -18.63 -19.84
C PRO A 123 5.48 -18.22 -19.05
N PRO A 124 6.08 -19.16 -18.32
CA PRO A 124 7.33 -18.87 -17.62
C PRO A 124 8.35 -18.28 -18.60
N SER A 125 9.09 -17.25 -18.20
CA SER A 125 10.14 -16.70 -19.04
C SER A 125 11.27 -17.72 -19.18
N SER A 126 11.96 -17.70 -20.32
CA SER A 126 13.07 -18.63 -20.54
C SER A 126 14.10 -18.48 -19.43
N GLU A 127 14.31 -17.23 -19.02
CA GLU A 127 15.26 -16.89 -17.99
C GLU A 127 14.93 -17.60 -16.68
N GLN A 128 13.65 -17.61 -16.31
CA GLN A 128 13.26 -18.31 -15.09
C GLN A 128 13.47 -19.80 -15.26
N LEU A 129 13.21 -20.30 -16.47
CA LEU A 129 13.34 -21.74 -16.72
C LEU A 129 14.76 -22.22 -16.55
N THR A 130 15.73 -21.42 -17.01
CA THR A 130 17.15 -21.78 -16.88
C THR A 130 17.56 -21.77 -15.42
N SER A 131 16.85 -20.98 -14.63
CA SER A 131 17.06 -20.93 -13.18
C SER A 131 16.49 -22.15 -12.46
N GLY A 132 15.63 -22.89 -13.15
CA GLY A 132 15.11 -24.14 -12.59
C GLY A 132 13.68 -24.08 -12.08
N GLY A 133 13.02 -22.92 -12.20
CA GLY A 133 11.65 -22.77 -11.75
C GLY A 133 10.67 -22.40 -12.86
N ALA A 134 9.38 -22.43 -12.56
CA ALA A 134 8.37 -22.10 -13.56
C ALA A 134 7.15 -21.47 -12.91
N SER A 135 6.91 -20.20 -13.23
CA SER A 135 5.70 -19.52 -12.80
C SER A 135 4.84 -19.14 -14.00
N VAL A 136 3.57 -19.52 -13.97
CA VAL A 136 2.65 -19.09 -15.02
C VAL A 136 1.85 -17.96 -14.42
N VAL A 137 1.83 -16.81 -15.10
CA VAL A 137 1.20 -15.61 -14.53
C VAL A 137 -0.06 -15.23 -15.32
N CYS A 138 -1.14 -14.93 -14.59
CA CYS A 138 -2.40 -14.49 -15.20
C CYS A 138 -2.77 -13.15 -14.58
N PHE A 139 -3.09 -12.16 -15.41
CA PHE A 139 -3.57 -10.87 -14.91
C PHE A 139 -5.03 -10.76 -15.27
N LEU A 140 -5.85 -10.34 -14.32
CA LEU A 140 -7.26 -10.10 -14.56
C LEU A 140 -7.53 -8.65 -14.21
N ASN A 141 -7.65 -7.80 -15.23
CA ASN A 141 -7.64 -6.37 -15.00
C ASN A 141 -9.00 -5.72 -15.17
N ASN A 142 -9.27 -4.73 -14.32
CA ASN A 142 -10.43 -3.84 -14.43
C ASN A 142 -11.79 -4.52 -14.38
N PHE A 143 -12.06 -5.23 -13.30
CA PHE A 143 -13.33 -5.92 -13.13
C PHE A 143 -14.10 -5.48 -11.87
N TYR A 144 -15.37 -5.87 -11.78
CA TYR A 144 -16.21 -5.58 -10.61
C TYR A 144 -17.38 -6.55 -10.61
N PRO A 145 -17.75 -7.11 -9.45
CA PRO A 145 -17.23 -6.91 -8.09
C PRO A 145 -15.89 -7.57 -7.83
N LYS A 146 -15.41 -7.47 -6.60
CA LYS A 146 -14.04 -7.88 -6.25
C LYS A 146 -13.84 -9.39 -6.24
N ASP A 147 -14.88 -10.12 -5.86
CA ASP A 147 -14.75 -11.55 -5.56
C ASP A 147 -14.93 -12.45 -6.79
N ILE A 148 -14.14 -12.20 -7.82
CA ILE A 148 -14.13 -13.07 -8.97
C ILE A 148 -13.46 -14.37 -8.51
N ASN A 149 -13.93 -15.54 -8.98
CA ASN A 149 -13.09 -16.72 -8.74
C ASN A 149 -12.31 -17.22 -9.95
N VAL A 150 -10.99 -17.29 -9.76
CA VAL A 150 -10.05 -17.70 -10.78
C VAL A 150 -9.78 -19.17 -10.55
N LYS A 151 -9.72 -19.92 -11.64
CA LYS A 151 -9.47 -21.35 -11.58
C LYS A 151 -8.37 -21.65 -12.59
N TRP A 152 -7.46 -22.55 -12.25
CA TRP A 152 -6.41 -22.95 -13.17
C TRP A 152 -6.71 -24.37 -13.65
N LYS A 153 -6.36 -24.64 -14.90
CA LYS A 153 -6.43 -26.00 -15.43
C LYS A 153 -5.14 -26.28 -16.13
N ILE A 154 -4.70 -27.53 -16.02
CA ILE A 154 -3.52 -28.01 -16.70
C ILE A 154 -3.96 -29.25 -17.47
N ASP A 155 -3.73 -29.26 -18.79
CA ASP A 155 -4.23 -30.31 -19.67
C ASP A 155 -5.69 -30.66 -19.37
N GLY A 156 -6.51 -29.64 -19.13
CA GLY A 156 -7.93 -29.82 -18.85
C GLY A 156 -8.37 -30.13 -17.43
N SER A 157 -7.43 -30.44 -16.53
CA SER A 157 -7.76 -30.77 -15.14
C SER A 157 -7.58 -29.59 -14.19
N GLU A 158 -8.54 -29.36 -13.30
CA GLU A 158 -8.45 -28.28 -12.31
C GLU A 158 -7.17 -28.44 -11.48
N ARG A 159 -6.50 -27.33 -11.23
CA ARG A 159 -5.24 -27.35 -10.50
C ARG A 159 -5.24 -26.24 -9.46
N GLN A 160 -5.05 -26.61 -8.19
CA GLN A 160 -5.11 -25.64 -7.08
C GLN A 160 -3.77 -25.47 -6.38
N ASN A 161 -3.03 -26.57 -6.30
CA ASN A 161 -1.72 -26.52 -5.68
C ASN A 161 -0.77 -25.57 -6.40
N GLY A 162 -0.15 -24.68 -5.64
CA GLY A 162 0.84 -23.78 -6.20
C GLY A 162 0.28 -22.44 -6.68
N VAL A 163 -1.01 -22.21 -6.43
CA VAL A 163 -1.68 -20.98 -6.89
C VAL A 163 -1.75 -19.90 -5.79
N LEU A 164 -1.32 -18.68 -6.13
CA LEU A 164 -1.36 -17.54 -5.22
C LEU A 164 -1.95 -16.32 -5.91
N ASN A 165 -2.87 -15.63 -5.22
CA ASN A 165 -3.64 -14.58 -5.83
C ASN A 165 -3.40 -13.29 -5.09
N SER A 166 -3.43 -12.16 -5.81
CA SER A 166 -3.20 -10.89 -5.14
C SER A 166 -4.01 -9.78 -5.79
N TRP A 167 -4.70 -8.97 -4.98
CA TRP A 167 -5.60 -7.93 -5.52
C TRP A 167 -5.02 -6.55 -5.29
N THR A 168 -5.23 -5.63 -6.23
CA THR A 168 -4.98 -4.22 -5.97
C THR A 168 -6.18 -3.69 -5.21
N ASP A 169 -6.07 -2.48 -4.68
CA ASP A 169 -7.25 -1.86 -4.11
C ASP A 169 -8.10 -1.27 -5.25
N GLN A 170 -9.31 -0.85 -4.92
CA GLN A 170 -10.21 -0.28 -5.92
C GLN A 170 -9.58 0.95 -6.62
N ASP A 171 -9.71 1.00 -7.94
CA ASP A 171 -9.14 2.07 -8.74
C ASP A 171 -9.83 3.41 -8.42
N SER A 172 -9.04 4.45 -8.24
CA SER A 172 -9.61 5.74 -7.81
C SER A 172 -10.37 6.49 -8.92
N LYS A 173 -10.32 5.99 -10.15
CA LYS A 173 -11.11 6.57 -11.27
C LYS A 173 -12.31 5.73 -11.68
N ASP A 174 -12.10 4.46 -12.02
CA ASP A 174 -13.21 3.67 -12.54
C ASP A 174 -13.79 2.73 -11.51
N SER A 175 -13.21 2.73 -10.32
CA SER A 175 -13.74 1.97 -9.18
C SER A 175 -13.73 0.45 -9.42
N THR A 176 -12.83 -0.01 -10.28
CA THR A 176 -12.70 -1.45 -10.52
C THR A 176 -11.52 -2.02 -9.73
N TYR A 177 -11.44 -3.35 -9.74
CA TYR A 177 -10.33 -4.08 -9.13
C TYR A 177 -9.49 -4.78 -10.21
N SER A 178 -8.24 -5.05 -9.88
CA SER A 178 -7.42 -5.91 -10.73
C SER A 178 -6.81 -6.95 -9.80
N MET A 179 -6.38 -8.09 -10.35
CA MET A 179 -5.70 -9.10 -9.54
C MET A 179 -4.71 -9.88 -10.40
N SER A 180 -3.74 -10.50 -9.74
CA SER A 180 -2.85 -11.41 -10.43
C SER A 180 -3.08 -12.78 -9.84
N SER A 181 -3.00 -13.80 -10.68
CA SER A 181 -3.07 -15.17 -10.21
C SER A 181 -1.85 -15.88 -10.79
N THR A 182 -1.07 -16.49 -9.91
CA THR A 182 0.23 -17.04 -10.31
C THR A 182 0.30 -18.49 -9.90
N LEU A 183 0.56 -19.34 -10.90
CA LEU A 183 0.71 -20.78 -10.70
C LEU A 183 2.19 -21.06 -10.73
N THR A 184 2.72 -21.58 -9.61
CA THR A 184 4.14 -21.83 -9.48
C THR A 184 4.35 -23.32 -9.30
N LEU A 185 5.16 -23.90 -10.16
CA LEU A 185 5.42 -25.34 -10.13
C LEU A 185 6.87 -25.58 -10.52
N THR A 186 7.35 -26.80 -10.31
CA THR A 186 8.74 -27.11 -10.64
C THR A 186 8.90 -27.04 -12.16
N LYS A 187 10.12 -26.80 -12.65
CA LYS A 187 10.35 -26.88 -14.08
C LYS A 187 9.98 -28.27 -14.61
N ASP A 188 10.38 -29.32 -13.88
CA ASP A 188 10.04 -30.70 -14.25
C ASP A 188 8.56 -30.84 -14.53
N GLU A 189 7.74 -30.41 -13.57
CA GLU A 189 6.30 -30.50 -13.64
C GLU A 189 5.75 -29.66 -14.78
N TYR A 190 6.31 -28.46 -14.97
CA TYR A 190 5.85 -27.58 -16.05
C TYR A 190 6.07 -28.25 -17.39
N GLU A 191 7.23 -28.88 -17.53
CA GLU A 191 7.60 -29.49 -18.81
C GLU A 191 6.90 -30.82 -19.15
N ARG A 192 6.17 -31.40 -18.20
CA ARG A 192 5.48 -32.65 -18.52
C ARG A 192 3.99 -32.47 -18.81
N HIS A 193 3.58 -31.22 -19.01
CA HIS A 193 2.21 -30.91 -19.42
C HIS A 193 2.23 -29.94 -20.59
N ASN A 194 1.13 -29.89 -21.32
CA ASN A 194 1.03 -29.06 -22.53
C ASN A 194 0.14 -27.82 -22.38
N SER A 195 -1.13 -28.04 -22.06
CA SER A 195 -2.09 -26.93 -22.01
C SER A 195 -2.18 -26.29 -20.63
N TYR A 196 -2.08 -24.96 -20.57
CA TYR A 196 -2.25 -24.19 -19.34
C TYR A 196 -3.34 -23.14 -19.49
N THR A 197 -4.33 -23.19 -18.61
CA THR A 197 -5.48 -22.30 -18.71
C THR A 197 -5.77 -21.58 -17.40
N CYS A 198 -6.00 -20.27 -17.46
CA CYS A 198 -6.57 -19.61 -16.29
C CYS A 198 -7.95 -19.11 -16.68
N GLU A 199 -8.92 -19.32 -15.79
CA GLU A 199 -10.33 -19.13 -16.11
C GLU A 199 -10.91 -18.22 -15.06
N ALA A 200 -11.63 -17.19 -15.49
CA ALA A 200 -12.34 -16.33 -14.55
C ALA A 200 -13.83 -16.60 -14.65
N THR A 201 -14.43 -17.04 -13.54
CA THR A 201 -15.87 -17.12 -13.47
C THR A 201 -16.40 -15.94 -12.67
N HIS A 202 -17.42 -15.30 -13.22
CA HIS A 202 -17.86 -13.99 -12.77
C HIS A 202 -19.29 -13.86 -13.32
N LYS A 203 -20.19 -13.30 -12.53
CA LYS A 203 -21.59 -13.22 -12.95
C LYS A 203 -21.90 -11.99 -13.81
N THR A 204 -20.89 -11.55 -14.55
CA THR A 204 -21.04 -10.58 -15.63
C THR A 204 -21.26 -11.38 -16.93
N SER A 205 -21.17 -12.70 -16.78
CA SER A 205 -21.38 -13.64 -17.89
C SER A 205 -21.63 -15.06 -17.37
N THR A 206 -22.42 -15.84 -18.11
CA THR A 206 -22.67 -17.23 -17.75
C THR A 206 -21.53 -18.15 -18.20
N SER A 207 -20.80 -17.76 -19.25
CA SER A 207 -19.64 -18.53 -19.70
C SER A 207 -18.39 -17.99 -19.03
N PRO A 208 -17.45 -18.88 -18.65
CA PRO A 208 -16.18 -18.38 -18.10
C PRO A 208 -15.40 -17.56 -19.11
N ILE A 209 -14.62 -16.58 -18.65
CA ILE A 209 -13.62 -15.94 -19.50
C ILE A 209 -12.32 -16.73 -19.37
N VAL A 210 -11.76 -17.11 -20.50
CA VAL A 210 -10.66 -18.09 -20.54
C VAL A 210 -9.42 -17.47 -21.18
N LYS A 211 -8.23 -17.82 -20.68
CA LYS A 211 -7.00 -17.57 -21.42
C LYS A 211 -6.10 -18.78 -21.29
N SER A 212 -5.51 -19.19 -22.39
CA SER A 212 -4.78 -20.44 -22.39
C SER A 212 -3.61 -20.37 -23.36
N PHE A 213 -2.62 -21.23 -23.15
CA PHE A 213 -1.59 -21.43 -24.17
C PHE A 213 -1.17 -22.86 -24.13
N ASN A 214 -0.54 -23.33 -25.20
CA ASN A 214 0.01 -24.68 -25.24
C ASN A 214 1.52 -24.56 -25.34
N ARG A 215 2.23 -25.24 -24.44
CA ARG A 215 3.69 -25.17 -24.39
C ARG A 215 4.30 -25.70 -25.69
N ASN A 216 3.54 -26.52 -26.42
CA ASN A 216 3.95 -27.04 -27.73
C ASN A 216 3.45 -26.19 -28.92
N GLU A 217 3.00 -24.97 -28.65
CA GLU A 217 2.36 -24.10 -29.65
C GLU A 217 1.26 -24.78 -30.45
N GLU B 1 7.78 24.75 -0.89
CA GLU B 1 7.24 23.41 -0.82
C GLU B 1 7.57 22.76 0.52
N VAL B 2 6.55 22.43 1.33
CA VAL B 2 6.78 21.68 2.57
C VAL B 2 7.25 20.28 2.20
N LYS B 3 8.33 19.82 2.84
CA LYS B 3 8.84 18.47 2.64
C LYS B 3 9.30 17.90 3.96
N LEU B 4 8.97 16.63 4.19
CA LEU B 4 9.53 15.86 5.31
C LEU B 4 10.11 14.59 4.71
N VAL B 5 11.44 14.43 4.78
CA VAL B 5 12.06 13.27 4.15
C VAL B 5 12.70 12.37 5.19
N GLU B 6 12.15 11.17 5.34
CA GLU B 6 12.66 10.20 6.29
C GLU B 6 13.79 9.42 5.65
N SER B 7 14.74 8.99 6.46
CA SER B 7 15.73 8.02 6.00
C SER B 7 16.12 7.14 7.15
N GLY B 8 16.75 6.01 6.86
CA GLY B 8 17.27 5.14 7.90
C GLY B 8 16.60 3.78 8.05
N GLY B 9 15.47 3.59 7.38
CA GLY B 9 14.79 2.31 7.47
C GLY B 9 15.68 1.18 6.97
N ASP B 10 15.64 0.03 7.64
CA ASP B 10 16.48 -1.10 7.28
C ASP B 10 15.93 -2.37 7.93
N LEU B 11 16.50 -3.52 7.55
CA LEU B 11 16.25 -4.76 8.24
C LEU B 11 17.20 -4.86 9.45
N VAL B 12 16.65 -5.19 10.62
CA VAL B 12 17.44 -5.23 11.84
C VAL B 12 17.13 -6.53 12.57
N LYS B 13 18.13 -7.13 13.23
CA LYS B 13 17.87 -8.34 14.02
C LYS B 13 17.11 -7.98 15.30
N PRO B 14 16.30 -8.93 15.83
CA PRO B 14 15.65 -8.72 17.14
C PRO B 14 16.67 -8.33 18.22
N GLY B 15 16.31 -7.41 19.10
CA GLY B 15 17.23 -6.91 20.11
C GLY B 15 18.14 -5.79 19.61
N GLY B 16 18.09 -5.53 18.31
CA GLY B 16 18.95 -4.53 17.69
C GLY B 16 18.53 -3.07 17.83
N SER B 17 19.34 -2.16 17.27
CA SER B 17 19.07 -0.73 17.35
C SER B 17 19.03 -0.14 15.96
N LEU B 18 18.40 1.02 15.81
CA LEU B 18 18.31 1.68 14.53
C LEU B 18 18.00 3.16 14.75
N LYS B 19 18.58 4.02 13.93
CA LYS B 19 18.29 5.45 14.04
C LYS B 19 17.65 5.97 12.77
N LEU B 20 16.46 6.56 12.91
CA LEU B 20 15.77 7.21 11.80
C LEU B 20 15.94 8.71 11.87
N SER B 21 15.97 9.36 10.70
CA SER B 21 16.11 10.81 10.59
C SER B 21 15.01 11.32 9.69
N CYS B 22 14.61 12.57 9.92
CA CYS B 22 13.60 13.20 9.08
C CYS B 22 14.05 14.63 8.79
N ALA B 23 14.28 14.94 7.52
CA ALA B 23 14.76 16.28 7.15
C ALA B 23 13.59 17.16 6.75
N ALA B 24 13.40 18.27 7.46
CA ALA B 24 12.22 19.11 7.28
C ALA B 24 12.59 20.34 6.49
N SER B 25 11.86 20.59 5.41
CA SER B 25 12.15 21.80 4.63
C SER B 25 10.90 22.54 4.21
N GLY B 26 11.04 23.83 3.97
CA GLY B 26 9.96 24.62 3.41
C GLY B 26 8.97 25.17 4.42
N PHE B 27 9.32 25.14 5.70
CA PHE B 27 8.49 25.77 6.74
C PHE B 27 9.35 26.08 7.96
N SER B 28 8.80 26.84 8.92
CA SER B 28 9.51 27.11 10.17
C SER B 28 9.48 25.89 11.12
N PHE B 29 10.54 25.10 11.08
CA PHE B 29 10.59 23.82 11.80
C PHE B 29 10.40 24.04 13.28
N SER B 30 11.09 25.03 13.85
CA SER B 30 11.01 25.26 15.29
C SER B 30 9.66 25.80 15.75
N SER B 31 8.72 26.02 14.84
CA SER B 31 7.40 26.54 15.23
C SER B 31 6.35 25.44 15.41
N HIS B 32 6.75 24.18 15.25
CA HIS B 32 5.80 23.07 15.32
C HIS B 32 6.26 21.92 16.21
N GLY B 33 5.31 21.31 16.93
CA GLY B 33 5.56 19.99 17.52
C GLY B 33 5.68 19.00 16.38
N MET B 34 6.29 17.84 16.64
CA MET B 34 6.49 16.82 15.60
C MET B 34 6.20 15.47 16.23
N SER B 35 5.79 14.50 15.41
CA SER B 35 5.54 13.13 15.89
C SER B 35 6.07 12.10 14.90
N TRP B 36 6.37 10.89 15.40
CA TRP B 36 6.53 9.72 14.56
C TRP B 36 5.26 8.88 14.67
N VAL B 37 4.75 8.42 13.54
CA VAL B 37 3.63 7.50 13.51
C VAL B 37 4.06 6.29 12.68
N ARG B 38 3.63 5.09 13.02
CA ARG B 38 4.03 3.95 12.22
C ARG B 38 2.79 3.22 11.67
N GLN B 39 2.97 2.54 10.53
CA GLN B 39 1.92 1.71 9.96
C GLN B 39 2.42 0.27 9.88
N THR B 40 1.80 -0.61 10.67
CA THR B 40 2.20 -2.00 10.80
C THR B 40 1.69 -2.79 9.59
N PRO B 41 2.17 -4.02 9.39
CA PRO B 41 1.76 -4.79 8.19
C PRO B 41 0.26 -5.10 8.13
N ASP B 42 -0.45 -5.03 9.25
CA ASP B 42 -1.92 -5.10 9.22
C ASP B 42 -2.58 -3.78 8.75
N LYS B 43 -1.77 -2.82 8.32
CA LYS B 43 -2.18 -1.49 7.84
C LYS B 43 -2.69 -0.52 8.91
N ARG B 44 -2.71 -0.94 10.17
CA ARG B 44 -3.09 -0.05 11.26
C ARG B 44 -2.11 1.11 11.45
N LEU B 45 -2.64 2.29 11.74
CA LEU B 45 -1.79 3.41 12.15
C LEU B 45 -1.62 3.38 13.65
N GLU B 46 -0.40 3.62 14.10
CA GLU B 46 -0.07 3.57 15.51
C GLU B 46 0.84 4.73 15.84
N TRP B 47 0.42 5.58 16.76
CA TRP B 47 1.21 6.73 17.17
C TRP B 47 2.40 6.22 17.99
N VAL B 48 3.59 6.80 17.77
CA VAL B 48 4.80 6.31 18.42
C VAL B 48 5.34 7.29 19.46
N ALA B 49 5.58 8.54 19.05
CA ALA B 49 6.20 9.51 19.98
C ALA B 49 6.00 10.91 19.46
N LEU B 50 6.04 11.90 20.36
CA LEU B 50 6.01 13.30 19.97
C LEU B 50 7.09 14.13 20.68
N ILE B 51 7.36 15.30 20.11
CA ILE B 51 8.30 16.24 20.72
C ILE B 51 7.82 17.65 20.48
N SER B 52 7.91 18.49 21.51
CA SER B 52 7.46 19.87 21.43
C SER B 52 8.40 20.69 20.55
N ARG B 53 7.97 21.89 20.18
CA ARG B 53 8.75 22.71 19.26
C ARG B 53 10.22 22.94 19.68
N GLY B 54 10.48 23.09 20.98
CA GLY B 54 11.83 23.32 21.46
C GLY B 54 12.47 22.06 22.02
N GLY B 55 11.69 21.00 22.16
CA GLY B 55 12.24 19.71 22.55
C GLY B 55 12.26 19.40 24.04
N SER B 56 11.75 20.29 24.88
CA SER B 56 11.77 20.01 26.31
C SER B 56 10.65 19.08 26.77
N TYR B 57 9.66 18.84 25.92
CA TYR B 57 8.61 17.87 26.27
C TYR B 57 8.55 16.75 25.25
N THR B 58 8.66 15.51 25.71
CA THR B 58 8.52 14.38 24.81
C THR B 58 7.49 13.42 25.41
N TYR B 59 6.92 12.54 24.59
CA TYR B 59 6.03 11.52 25.12
C TYR B 59 6.01 10.35 24.17
N TYR B 60 5.80 9.14 24.70
CA TYR B 60 5.92 7.91 23.92
C TYR B 60 4.69 7.03 24.10
N SER B 61 4.41 6.19 23.10
CA SER B 61 3.40 5.15 23.26
C SER B 61 3.84 4.15 24.33
N ASP B 62 2.90 3.40 24.90
CA ASP B 62 3.26 2.46 25.97
C ASP B 62 4.20 1.40 25.41
N SER B 63 4.00 1.05 24.15
CA SER B 63 4.78 0.00 23.49
C SER B 63 6.27 0.32 23.34
N VAL B 64 6.61 1.59 23.16
CA VAL B 64 8.01 1.96 22.92
C VAL B 64 8.70 2.69 24.06
N LYS B 65 7.93 3.10 25.06
CA LYS B 65 8.49 3.87 26.18
C LYS B 65 9.62 3.08 26.81
N GLY B 66 10.75 3.75 27.05
CA GLY B 66 11.92 3.09 27.58
C GLY B 66 12.83 2.43 26.55
N ARG B 67 12.36 2.30 25.31
CA ARG B 67 13.19 1.71 24.26
C ARG B 67 13.57 2.73 23.17
N PHE B 68 12.66 3.66 22.88
CA PHE B 68 12.86 4.64 21.80
C PHE B 68 13.14 6.02 22.40
N THR B 69 13.89 6.86 21.67
CA THR B 69 14.10 8.23 22.06
C THR B 69 13.82 9.10 20.86
N ILE B 70 12.89 10.04 21.03
CA ILE B 70 12.67 11.05 20.00
C ILE B 70 13.48 12.28 20.35
N SER B 71 14.06 12.91 19.34
CA SER B 71 14.81 14.15 19.55
C SER B 71 14.79 15.00 18.29
N ARG B 72 15.24 16.24 18.40
CA ARG B 72 15.27 17.14 17.26
C ARG B 72 16.44 18.10 17.35
N ASP B 73 16.89 18.57 16.20
CA ASP B 73 17.89 19.61 16.15
C ASP B 73 17.31 20.68 15.25
N ASN B 74 16.88 21.79 15.86
CA ASN B 74 16.17 22.82 15.10
C ASN B 74 17.06 23.53 14.09
N ALA B 75 18.32 23.75 14.45
CA ALA B 75 19.28 24.37 13.53
C ALA B 75 19.49 23.51 12.29
N LYS B 76 19.45 22.19 12.47
CA LYS B 76 19.57 21.27 11.34
C LYS B 76 18.23 20.97 10.69
N ASN B 77 17.14 21.44 11.29
CA ASN B 77 15.81 21.14 10.80
C ASN B 77 15.57 19.64 10.64
N THR B 78 16.00 18.90 11.65
CA THR B 78 15.94 17.44 11.59
C THR B 78 15.26 16.86 12.83
N LEU B 79 14.46 15.82 12.60
CA LEU B 79 13.78 15.09 13.67
C LEU B 79 14.43 13.71 13.68
N TYR B 80 14.65 13.16 14.88
CA TYR B 80 15.25 11.83 15.00
C TYR B 80 14.39 10.88 15.79
N LEU B 81 14.52 9.59 15.49
CA LEU B 81 13.97 8.54 16.34
C LEU B 81 15.06 7.48 16.53
N GLN B 82 15.59 7.40 17.75
CA GLN B 82 16.54 6.34 18.10
C GLN B 82 15.76 5.15 18.62
N MET B 83 15.96 3.98 18.01
CA MET B 83 15.25 2.78 18.43
C MET B 83 16.23 1.78 19.02
N SER B 84 15.78 1.01 20.01
CA SER B 84 16.64 -0.01 20.65
C SER B 84 15.75 -1.13 21.12
N GLY B 85 16.33 -2.30 21.36
CA GLY B 85 15.57 -3.46 21.84
C GLY B 85 14.46 -3.78 20.86
N LEU B 86 14.76 -3.68 19.58
CA LEU B 86 13.75 -3.87 18.54
C LEU B 86 13.15 -5.26 18.58
N ARG B 87 11.85 -5.33 18.35
CA ARG B 87 11.16 -6.62 18.31
C ARG B 87 10.25 -6.69 17.10
N SER B 88 9.73 -7.87 16.82
CA SER B 88 8.86 -8.12 15.67
C SER B 88 7.77 -7.06 15.54
N GLU B 89 7.21 -6.64 16.67
CA GLU B 89 6.10 -5.71 16.73
C GLU B 89 6.46 -4.32 16.21
N ASP B 90 7.76 -4.04 16.12
CA ASP B 90 8.22 -2.73 15.65
C ASP B 90 8.32 -2.67 14.13
N THR B 91 8.10 -3.80 13.46
CA THR B 91 8.13 -3.82 12.00
C THR B 91 6.99 -2.99 11.46
N ALA B 92 7.31 -1.95 10.68
CA ALA B 92 6.33 -0.98 10.20
C ALA B 92 6.96 0.01 9.25
N ILE B 93 6.12 0.78 8.57
CA ILE B 93 6.58 1.96 7.88
C ILE B 93 6.50 3.12 8.89
N TYR B 94 7.60 3.85 9.05
CA TYR B 94 7.66 4.95 10.01
C TYR B 94 7.52 6.27 9.29
N TYR B 95 6.51 7.07 9.70
CA TYR B 95 6.31 8.39 9.10
C TYR B 95 6.72 9.49 10.05
N CYS B 96 7.47 10.47 9.54
CA CYS B 96 7.71 11.73 10.23
C CYS B 96 6.46 12.59 9.99
N THR B 97 5.92 13.25 11.02
CA THR B 97 4.75 14.15 10.79
C THR B 97 4.86 15.47 11.55
N ARG B 98 4.31 16.52 10.96
CA ARG B 98 4.30 17.85 11.59
C ARG B 98 2.96 18.09 12.25
N HIS B 99 2.99 18.67 13.45
CA HIS B 99 1.75 19.08 14.11
C HIS B 99 1.34 20.47 13.60
N LYS B 100 0.05 20.72 13.44
CA LYS B 100 -0.41 22.10 13.24
C LYS B 100 -0.01 22.93 14.46
N GLY B 101 -0.02 24.24 14.33
CA GLY B 101 0.50 25.06 15.41
C GLY B 101 -0.55 25.95 16.05
N LEU B 102 -1.81 25.53 16.03
CA LEU B 102 -2.86 26.36 16.64
C LEU B 102 -2.68 26.41 18.15
N ARG B 103 -3.06 27.53 18.76
CA ARG B 103 -3.18 27.62 20.22
C ARG B 103 -4.48 26.96 20.69
N ARG B 104 -4.83 27.20 21.96
CA ARG B 104 -6.05 26.63 22.57
C ARG B 104 -6.05 25.10 22.55
N GLY B 105 -4.90 24.50 22.84
CA GLY B 105 -4.86 23.05 23.01
C GLY B 105 -3.95 22.35 22.03
N THR B 106 -4.19 21.06 21.83
CA THR B 106 -3.29 20.25 21.01
C THR B 106 -3.72 20.24 19.55
N ASN B 107 -2.91 19.63 18.70
CA ASN B 107 -3.10 19.78 17.26
C ASN B 107 -3.05 18.48 16.51
N ALA B 108 -3.68 18.47 15.34
CA ALA B 108 -3.67 17.34 14.44
C ALA B 108 -2.36 17.37 13.70
N MET B 109 -2.09 16.30 12.94
CA MET B 109 -0.84 16.17 12.18
C MET B 109 -1.10 16.58 10.73
N ASP B 110 -0.65 17.76 10.33
CA ASP B 110 -1.09 18.30 9.05
C ASP B 110 -0.19 17.97 7.86
N TYR B 111 1.04 17.54 8.10
CA TYR B 111 1.91 17.10 7.01
C TYR B 111 2.65 15.84 7.38
N TRP B 112 2.79 14.92 6.42
CA TRP B 112 3.36 13.58 6.62
C TRP B 112 4.37 13.29 5.53
N GLY B 113 5.51 12.73 5.92
CA GLY B 113 6.49 12.27 4.96
C GLY B 113 6.02 11.01 4.25
N GLN B 114 6.79 10.53 3.29
CA GLN B 114 6.41 9.33 2.54
C GLN B 114 6.64 8.05 3.35
N GLY B 115 7.50 8.14 4.37
CA GLY B 115 7.72 7.01 5.25
C GLY B 115 9.01 6.26 4.97
N THR B 116 9.52 5.55 5.96
CA THR B 116 10.70 4.71 5.75
C THR B 116 10.44 3.36 6.41
N SER B 117 10.82 2.29 5.73
CA SER B 117 10.39 0.95 6.14
C SER B 117 11.39 0.28 7.06
N VAL B 118 10.91 -0.22 8.19
CA VAL B 118 11.77 -0.95 9.12
C VAL B 118 11.27 -2.36 9.27
N THR B 119 12.14 -3.35 9.16
CA THR B 119 11.77 -4.74 9.43
C THR B 119 12.67 -5.33 10.51
N VAL B 120 12.06 -6.00 11.47
CA VAL B 120 12.81 -6.61 12.55
C VAL B 120 12.67 -8.12 12.39
N SER B 121 13.76 -8.79 12.05
CA SER B 121 13.68 -10.21 11.74
C SER B 121 15.05 -10.85 11.80
N ALA B 122 15.11 -12.14 12.11
CA ALA B 122 16.38 -12.87 12.13
C ALA B 122 16.73 -13.39 10.75
N ALA B 123 15.76 -13.32 9.82
CA ALA B 123 15.99 -13.74 8.44
C ALA B 123 16.92 -12.77 7.72
N LYS B 124 17.64 -13.26 6.70
CA LYS B 124 18.64 -12.45 6.00
C LYS B 124 18.08 -11.73 4.76
N THR B 125 18.62 -10.54 4.46
CA THR B 125 18.31 -9.84 3.23
C THR B 125 18.55 -10.73 2.02
N THR B 126 17.58 -10.81 1.11
CA THR B 126 17.71 -11.64 -0.09
C THR B 126 17.27 -10.77 -1.26
N PRO B 127 18.14 -10.59 -2.27
CA PRO B 127 17.81 -9.76 -3.44
C PRO B 127 16.77 -10.47 -4.32
N PRO B 128 15.95 -9.72 -5.07
CA PRO B 128 14.96 -10.36 -5.96
C PRO B 128 15.59 -10.92 -7.22
N SER B 129 14.94 -11.91 -7.85
CA SER B 129 15.18 -12.20 -9.26
C SER B 129 14.09 -11.49 -10.06
N VAL B 130 14.44 -10.90 -11.21
CA VAL B 130 13.44 -10.18 -12.00
C VAL B 130 13.30 -10.87 -13.35
N TYR B 131 12.07 -11.25 -13.71
CA TYR B 131 11.82 -11.97 -14.95
C TYR B 131 10.88 -11.17 -15.82
N PRO B 132 11.20 -11.05 -17.12
CA PRO B 132 10.32 -10.31 -18.04
C PRO B 132 9.12 -11.17 -18.44
N LEU B 133 7.93 -10.57 -18.52
CA LEU B 133 6.74 -11.29 -18.97
C LEU B 133 6.26 -10.72 -20.31
N ALA B 134 6.70 -11.37 -21.38
CA ALA B 134 6.28 -11.03 -22.73
C ALA B 134 5.22 -12.04 -23.15
N PRO B 135 4.32 -11.65 -24.06
CA PRO B 135 3.22 -12.55 -24.46
C PRO B 135 3.76 -13.85 -25.06
N GLY B 136 3.02 -14.94 -24.95
CA GLY B 136 3.46 -16.22 -25.51
C GLY B 136 3.73 -16.12 -27.00
N SER B 137 4.53 -17.02 -27.54
CA SER B 137 4.97 -16.90 -28.95
C SER B 137 3.82 -17.04 -29.95
N ALA B 138 2.76 -17.73 -29.55
CA ALA B 138 1.60 -17.95 -30.41
C ALA B 138 0.52 -16.88 -30.20
N ALA B 139 0.78 -15.95 -29.29
CA ALA B 139 -0.20 -14.92 -28.90
C ALA B 139 -0.79 -14.15 -30.07
N GLN B 140 -2.04 -13.73 -29.88
CA GLN B 140 -2.76 -12.94 -30.86
C GLN B 140 -2.40 -11.47 -30.71
N THR B 141 -2.18 -10.80 -31.84
CA THR B 141 -1.96 -9.36 -31.86
C THR B 141 -3.30 -8.65 -31.90
N ASN B 142 -3.55 -7.83 -30.88
CA ASN B 142 -4.72 -6.98 -30.85
C ASN B 142 -4.24 -5.54 -30.83
N SER B 143 -5.16 -4.59 -30.71
CA SER B 143 -4.78 -3.18 -30.65
C SER B 143 -4.00 -2.87 -29.38
N MET B 144 -4.34 -3.59 -28.32
CA MET B 144 -3.74 -3.44 -26.99
C MET B 144 -2.77 -4.60 -26.72
N VAL B 145 -1.69 -4.35 -25.99
CA VAL B 145 -0.84 -5.43 -25.50
C VAL B 145 -0.53 -5.22 -24.02
N THR B 146 -0.59 -6.30 -23.23
CA THR B 146 -0.26 -6.24 -21.80
C THR B 146 1.07 -6.96 -21.60
N LEU B 147 2.02 -6.30 -20.95
CA LEU B 147 3.31 -6.88 -20.60
C LEU B 147 3.44 -6.94 -19.08
N GLY B 148 4.48 -7.58 -18.59
CA GLY B 148 4.67 -7.59 -17.14
C GLY B 148 6.06 -7.97 -16.72
N CYS B 149 6.33 -7.87 -15.44
CA CYS B 149 7.51 -8.53 -14.93
C CYS B 149 7.24 -9.10 -13.56
N LEU B 150 7.95 -10.18 -13.27
CA LEU B 150 7.70 -10.98 -12.11
C LEU B 150 8.92 -10.79 -11.22
N VAL B 151 8.70 -10.35 -9.99
CA VAL B 151 9.79 -10.03 -9.07
C VAL B 151 9.73 -11.05 -7.94
N LYS B 152 10.73 -11.92 -7.87
CA LYS B 152 10.57 -13.13 -7.09
C LYS B 152 11.69 -13.35 -6.07
N GLY B 153 11.32 -13.83 -4.88
CA GLY B 153 12.31 -14.39 -3.95
C GLY B 153 13.09 -13.40 -3.12
N TYR B 154 12.49 -12.27 -2.79
CA TYR B 154 13.21 -11.25 -2.03
C TYR B 154 12.77 -11.12 -0.57
N PHE B 155 13.65 -10.53 0.24
CA PHE B 155 13.35 -10.24 1.64
C PHE B 155 14.31 -9.15 2.12
N PRO B 156 13.80 -8.17 2.89
CA PRO B 156 12.41 -7.95 3.29
C PRO B 156 11.68 -7.12 2.22
N GLU B 157 10.40 -6.83 2.43
CA GLU B 157 9.74 -5.76 1.69
C GLU B 157 10.43 -4.44 2.08
N PRO B 158 10.35 -3.40 1.23
CA PRO B 158 9.64 -3.40 -0.05
C PRO B 158 10.53 -3.50 -1.28
N VAL B 159 9.90 -3.76 -2.42
CA VAL B 159 10.51 -3.39 -3.70
C VAL B 159 9.63 -2.31 -4.31
N THR B 160 10.20 -1.50 -5.19
CA THR B 160 9.40 -0.57 -5.96
C THR B 160 9.55 -0.96 -7.42
N VAL B 161 8.48 -0.82 -8.20
CA VAL B 161 8.55 -1.12 -9.63
C VAL B 161 8.06 0.09 -10.40
N THR B 162 8.83 0.51 -11.40
CA THR B 162 8.34 1.52 -12.35
C THR B 162 8.51 1.01 -13.77
N TRP B 163 7.78 1.62 -14.70
CA TRP B 163 7.88 1.27 -16.12
C TRP B 163 8.46 2.43 -16.93
N ASN B 164 9.48 2.15 -17.75
CA ASN B 164 10.21 3.19 -18.51
C ASN B 164 10.60 4.38 -17.61
N SER B 165 11.12 4.06 -16.44
CA SER B 165 11.55 5.06 -15.46
C SER B 165 10.47 6.08 -15.12
N GLY B 166 9.22 5.62 -15.03
CA GLY B 166 8.12 6.49 -14.66
C GLY B 166 7.27 7.01 -15.81
N SER B 167 7.85 7.08 -17.01
CA SER B 167 7.14 7.60 -18.19
C SER B 167 5.84 6.86 -18.47
N LEU B 168 5.92 5.54 -18.35
CA LEU B 168 4.77 4.65 -18.50
C LEU B 168 4.12 4.52 -17.11
N SER B 169 3.04 5.27 -16.88
CA SER B 169 2.51 5.46 -15.52
C SER B 169 1.05 5.01 -15.43
N SER B 170 0.28 5.38 -16.45
CA SER B 170 -1.08 4.90 -16.63
C SER B 170 -1.04 3.46 -17.15
N GLY B 171 -2.13 2.73 -16.94
CA GLY B 171 -2.20 1.33 -17.39
C GLY B 171 -1.23 0.41 -16.67
N VAL B 172 -0.74 0.84 -15.51
CA VAL B 172 0.13 0.00 -14.68
C VAL B 172 -0.62 -0.55 -13.45
N HIS B 173 -0.52 -1.86 -13.21
CA HIS B 173 -1.03 -2.43 -11.97
C HIS B 173 0.10 -3.18 -11.31
N THR B 174 0.50 -2.74 -10.12
CA THR B 174 1.51 -3.48 -9.37
C THR B 174 0.84 -4.09 -8.14
N PHE B 175 0.93 -5.41 -8.03
CA PHE B 175 0.17 -6.15 -7.04
C PHE B 175 0.94 -6.30 -5.74
N PRO B 176 0.21 -6.40 -4.60
CA PRO B 176 0.82 -6.63 -3.29
C PRO B 176 1.64 -7.90 -3.30
N ALA B 177 2.78 -7.87 -2.62
CA ALA B 177 3.63 -9.03 -2.49
C ALA B 177 2.90 -10.11 -1.74
N VAL B 178 3.30 -11.35 -2.03
CA VAL B 178 2.78 -12.50 -1.33
C VAL B 178 3.99 -13.29 -0.86
N LEU B 179 3.88 -13.90 0.30
CA LEU B 179 4.93 -14.78 0.83
C LEU B 179 4.97 -16.13 0.11
N GLN B 180 6.17 -16.60 -0.21
CA GLN B 180 6.37 -17.87 -0.89
C GLN B 180 7.61 -18.50 -0.28
N SER B 181 7.43 -19.52 0.56
CA SER B 181 8.53 -20.15 1.27
C SER B 181 9.40 -19.12 1.97
N ASP B 182 8.73 -18.23 2.69
CA ASP B 182 9.35 -17.17 3.50
C ASP B 182 10.11 -16.10 2.71
N LEU B 183 9.97 -16.08 1.38
CA LEU B 183 10.41 -14.93 0.58
C LEU B 183 9.23 -14.34 -0.18
N TYR B 184 9.33 -13.05 -0.51
CA TYR B 184 8.24 -12.34 -1.15
C TYR B 184 8.30 -12.42 -2.67
N THR B 185 7.13 -12.44 -3.32
CA THR B 185 7.05 -12.33 -4.78
C THR B 185 5.94 -11.36 -5.13
N LEU B 186 6.16 -10.55 -6.16
CA LEU B 186 5.07 -9.76 -6.72
C LEU B 186 5.20 -9.70 -8.23
N SER B 187 4.19 -9.18 -8.89
CA SER B 187 4.29 -8.93 -10.32
C SER B 187 3.64 -7.59 -10.61
N SER B 188 4.02 -7.01 -11.74
CA SER B 188 3.46 -5.75 -12.20
C SER B 188 3.08 -5.95 -13.67
N SER B 189 1.94 -5.40 -14.06
CA SER B 189 1.55 -5.42 -15.46
C SER B 189 1.46 -4.00 -16.01
N VAL B 190 1.72 -3.86 -17.30
CA VAL B 190 1.52 -2.59 -17.99
C VAL B 190 0.80 -2.87 -19.31
N THR B 191 -0.21 -2.07 -19.61
CA THR B 191 -0.92 -2.20 -20.89
C THR B 191 -0.65 -0.96 -21.75
N VAL B 192 -0.19 -1.19 -22.99
CA VAL B 192 0.13 -0.11 -23.95
C VAL B 192 -0.40 -0.49 -25.34
N PRO B 193 -0.46 0.48 -26.28
CA PRO B 193 -0.91 0.13 -27.63
C PRO B 193 0.08 -0.78 -28.38
N SER B 194 -0.42 -1.72 -29.17
CA SER B 194 0.44 -2.66 -29.90
C SER B 194 1.37 -1.94 -30.87
N SER B 195 1.00 -0.73 -31.27
CA SER B 195 1.82 0.09 -32.16
C SER B 195 3.11 0.55 -31.49
N THR B 196 3.10 0.55 -30.16
CA THR B 196 4.19 1.12 -29.38
C THR B 196 5.18 0.05 -28.88
N TRP B 197 4.80 -1.22 -29.06
CA TRP B 197 5.64 -2.33 -28.62
C TRP B 197 5.43 -3.52 -29.54
N PRO B 198 6.51 -4.18 -29.97
CA PRO B 198 7.92 -3.97 -29.59
C PRO B 198 8.65 -2.89 -30.40
N SER B 199 7.90 -2.04 -31.10
CA SER B 199 8.47 -0.93 -31.89
C SER B 199 9.33 -0.01 -31.05
N GLU B 200 8.75 0.49 -29.96
CA GLU B 200 9.49 1.28 -28.99
C GLU B 200 9.75 0.42 -27.75
N THR B 201 10.81 0.77 -27.02
CA THR B 201 11.28 -0.02 -25.89
C THR B 201 10.34 0.08 -24.67
N VAL B 202 10.15 -1.04 -23.96
CA VAL B 202 9.43 -1.02 -22.68
C VAL B 202 10.27 -1.76 -21.65
N THR B 203 10.53 -1.10 -20.53
CA THR B 203 11.45 -1.63 -19.53
C THR B 203 10.85 -1.53 -18.14
N CYS B 204 11.00 -2.57 -17.32
CA CYS B 204 10.52 -2.43 -15.95
C CYS B 204 11.72 -2.20 -15.03
N ASN B 205 11.58 -1.21 -14.16
CA ASN B 205 12.66 -0.82 -13.27
C ASN B 205 12.33 -1.29 -11.86
N VAL B 206 13.18 -2.17 -11.34
CA VAL B 206 12.92 -2.75 -10.03
C VAL B 206 14.01 -2.35 -9.07
N ALA B 207 13.62 -1.81 -7.91
CA ALA B 207 14.60 -1.49 -6.87
C ALA B 207 14.27 -2.24 -5.59
N HIS B 208 15.30 -2.72 -4.92
CA HIS B 208 15.11 -3.35 -3.62
C HIS B 208 16.15 -2.72 -2.70
N PRO B 209 15.77 -1.62 -2.04
CA PRO B 209 16.71 -0.82 -1.24
C PRO B 209 17.49 -1.62 -0.19
N ALA B 210 16.87 -2.62 0.43
CA ALA B 210 17.55 -3.32 1.51
C ALA B 210 18.80 -4.08 1.02
N SER B 211 18.81 -4.44 -0.26
CA SER B 211 19.95 -5.17 -0.83
C SER B 211 20.72 -4.31 -1.84
N SER B 212 20.39 -3.02 -1.87
CA SER B 212 20.89 -2.08 -2.89
C SER B 212 20.76 -2.60 -4.33
N THR B 213 19.69 -3.33 -4.62
CA THR B 213 19.49 -3.87 -5.96
C THR B 213 18.76 -2.89 -6.86
N LYS B 214 19.28 -2.72 -8.06
CA LYS B 214 18.58 -1.96 -9.09
C LYS B 214 18.67 -2.75 -10.40
N VAL B 215 17.51 -3.13 -10.92
CA VAL B 215 17.46 -3.92 -12.15
C VAL B 215 16.52 -3.26 -13.15
N ASP B 216 17.00 -3.12 -14.38
CA ASP B 216 16.16 -2.64 -15.47
C ASP B 216 16.02 -3.80 -16.45
N LYS B 217 14.82 -4.37 -16.50
CA LYS B 217 14.57 -5.53 -17.35
C LYS B 217 13.79 -5.13 -18.60
N LYS B 218 14.39 -5.33 -19.76
CA LYS B 218 13.73 -5.00 -21.03
C LYS B 218 12.76 -6.12 -21.42
N ILE B 219 11.52 -5.76 -21.76
CA ILE B 219 10.56 -6.78 -22.21
C ILE B 219 10.71 -6.98 -23.71
N VAL B 220 11.12 -8.18 -24.10
CA VAL B 220 11.42 -8.48 -25.49
C VAL B 220 10.47 -9.57 -25.99
N PRO B 221 10.07 -9.51 -27.27
CA PRO B 221 9.24 -10.61 -27.77
C PRO B 221 9.98 -11.93 -27.72
N ARG B 222 9.25 -13.00 -27.41
CA ARG B 222 9.80 -14.35 -27.46
C ARG B 222 10.02 -14.75 -28.94
#